data_4MNX
#
_entry.id   4MNX
#
_cell.length_a   52.450
_cell.length_b   53.500
_cell.length_c   79.580
_cell.angle_alpha   90.00
_cell.angle_beta   90.00
_cell.angle_gamma   90.00
#
_symmetry.space_group_name_H-M   'P 21 21 21'
#
loop_
_entity.id
_entity.type
_entity.pdbx_description
1 polymer 'Urokinase-type plasminogen activator chain B'
2 polymer 'bicyclic peptide UK811'
3 non-polymer 'SULFATE ION'
4 non-polymer GLYCEROL
5 non-polymer "1,1',1''-(1,3,5-triazinane-1,3,5-triyl)tripropan-1-one"
6 water water
#
loop_
_entity_poly.entity_id
_entity_poly.type
_entity_poly.pdbx_seq_one_letter_code
_entity_poly.pdbx_strand_id
1 'polypeptide(L)'
;IIGGEFTTIENQPWFAAIYRRHRGGSVTYVCGGSLISPCWVISATHCFIDYPKKEDYIVYLGRSRLNSNTQGEMKFEVEN
LILHKDYSADTLAHHNDIALLKIRSKEGRCAQPSRTIQTIALPSMYNDPQFGTSCEITGFGKEQSTDYLYPEQLKMTVVK
LISHRECQQPHYYGSEVTTKMLCAADPQWKTDSCQGDSGGPLVCSLQGRMTLTGIVSWGRGCALKDKPGVYTRVSHFLPW
IRSHT
;
A
2 'polypeptide(L)' LCSDRGCENRWCK(NH2) B
#
# COMPACT_ATOMS: atom_id res chain seq x y z
N ILE A 1 -10.52 2.47 -1.48
CA ILE A 1 -10.64 3.86 -0.93
C ILE A 1 -12.12 4.19 -0.72
N ILE A 2 -12.47 4.47 0.54
CA ILE A 2 -13.81 4.88 0.91
C ILE A 2 -13.88 6.37 0.70
N GLY A 3 -14.85 6.83 -0.09
CA GLY A 3 -14.99 8.23 -0.43
C GLY A 3 -13.87 8.66 -1.35
N GLY A 4 -13.35 9.85 -1.12
CA GLY A 4 -12.28 10.40 -1.94
C GLY A 4 -12.78 10.69 -3.32
N GLU A 5 -11.97 10.35 -4.32
CA GLU A 5 -12.27 10.68 -5.69
C GLU A 5 -11.49 9.74 -6.61
N PHE A 6 -11.97 9.66 -7.85
CA PHE A 6 -11.25 8.97 -8.91
C PHE A 6 -10.01 9.76 -9.27
N THR A 7 -9.00 9.04 -9.71
CA THR A 7 -7.76 9.65 -10.09
C THR A 7 -7.29 8.97 -11.36
N THR A 8 -6.13 9.38 -11.80
CA THR A 8 -5.53 8.83 -12.99
C THR A 8 -4.07 8.60 -12.67
N ILE A 9 -3.43 7.70 -13.42
CA ILE A 9 -2.08 7.24 -13.04
C ILE A 9 -1.01 8.34 -13.22
N GLU A 10 -1.21 9.28 -14.15
CA GLU A 10 -0.33 10.46 -14.21
C GLU A 10 -0.31 11.26 -12.92
N ASN A 11 -1.40 11.22 -12.16
CA ASN A 11 -1.43 11.90 -10.87
C ASN A 11 -0.77 11.07 -9.74
N GLN A 12 -0.63 9.76 -9.96
CA GLN A 12 -0.01 8.85 -8.98
C GLN A 12 1.05 7.94 -9.67
N PRO A 13 2.06 8.51 -10.35
CA PRO A 13 2.86 7.75 -11.33
C PRO A 13 3.75 6.67 -10.75
N TRP A 14 3.89 6.67 -9.43
CA TRP A 14 4.63 5.63 -8.71
C TRP A 14 3.77 4.43 -8.32
N PHE A 15 2.47 4.51 -8.57
CA PHE A 15 1.56 3.48 -8.08
C PHE A 15 1.69 2.21 -8.89
N ALA A 16 1.88 1.11 -8.18
CA ALA A 16 2.01 -0.21 -8.78
C ALA A 16 0.79 -1.05 -8.41
N ALA A 17 0.24 -1.69 -9.43
CA ALA A 17 -0.90 -2.58 -9.32
C ALA A 17 -0.43 -4.05 -9.37
N ILE A 18 -0.63 -4.78 -8.27
CA ILE A 18 -0.08 -6.13 -8.12
C ILE A 18 -1.19 -7.15 -8.19
N TYR A 19 -1.06 -8.08 -9.12
CA TYR A 19 -2.04 -9.15 -9.33
C TYR A 19 -1.44 -10.54 -9.12
N ARG A 20 -2.28 -11.55 -9.01
CA ARG A 20 -1.81 -12.93 -8.88
C ARG A 20 -2.45 -13.80 -9.94
N ARG A 21 -1.62 -14.57 -10.63
CA ARG A 21 -2.08 -15.48 -11.66
C ARG A 21 -2.40 -16.84 -11.01
N HIS A 22 -3.56 -17.38 -11.35
CA HIS A 22 -4.04 -18.66 -10.82
C HIS A 22 -3.93 -19.78 -11.85
N ARG A 23 -3.69 -21.01 -11.40
CA ARG A 23 -3.77 -22.15 -12.31
C ARG A 23 -5.18 -22.15 -12.89
N GLY A 24 -5.27 -22.47 -14.17
CA GLY A 24 -6.47 -22.22 -14.94
C GLY A 24 -6.32 -20.94 -15.75
N GLY A 25 -5.53 -20.00 -15.24
CA GLY A 25 -5.19 -18.78 -15.98
C GLY A 25 -5.87 -17.51 -15.50
N SER A 26 -6.79 -17.62 -14.53
CA SER A 26 -7.45 -16.44 -14.00
C SER A 26 -6.47 -15.57 -13.19
N VAL A 27 -6.61 -14.26 -13.33
CA VAL A 27 -5.73 -13.29 -12.67
C VAL A 27 -6.62 -12.47 -11.75
N THR A 28 -6.22 -12.31 -10.50
CA THR A 28 -6.96 -11.47 -9.56
C THR A 28 -6.04 -10.39 -8.96
N TYR A 29 -6.62 -9.22 -8.68
CA TYR A 29 -5.92 -8.18 -7.95
C TYR A 29 -5.58 -8.58 -6.51
N VAL A 30 -4.37 -8.24 -6.07
CA VAL A 30 -3.87 -8.59 -4.76
C VAL A 30 -3.79 -7.35 -3.88
N CYS A 31 -2.89 -6.45 -4.27
CA CYS A 31 -2.53 -5.32 -3.43
C CYS A 31 -1.87 -4.22 -4.26
N GLY A 32 -1.83 -3.03 -3.67
CA GLY A 32 -1.09 -1.95 -4.23
C GLY A 32 0.38 -2.04 -3.85
N GLY A 33 1.16 -1.13 -4.46
CA GLY A 33 2.58 -0.95 -4.16
C GLY A 33 3.05 0.35 -4.74
N SER A 34 4.34 0.65 -4.53
CA SER A 34 4.92 1.92 -4.91
C SER A 34 6.28 1.68 -5.54
N LEU A 35 6.53 2.33 -6.66
CA LEU A 35 7.82 2.21 -7.34
C LEU A 35 8.82 3.17 -6.67
N ILE A 36 9.83 2.59 -6.01
CA ILE A 36 10.84 3.35 -5.24
C ILE A 36 12.19 3.46 -5.97
N SER A 37 12.36 2.67 -7.02
CA SER A 37 13.48 2.77 -7.94
C SER A 37 13.09 1.95 -9.16
N PRO A 38 13.79 2.13 -10.28
CA PRO A 38 13.36 1.43 -11.50
C PRO A 38 13.08 -0.06 -11.36
N CYS A 39 13.88 -0.78 -10.57
CA CYS A 39 13.70 -2.22 -10.42
C CYS A 39 12.94 -2.66 -9.19
N TRP A 40 12.52 -1.74 -8.33
CA TRP A 40 11.98 -2.13 -7.03
C TRP A 40 10.64 -1.49 -6.74
N VAL A 41 9.65 -2.34 -6.45
CA VAL A 41 8.37 -1.94 -5.90
C VAL A 41 8.26 -2.35 -4.42
N ILE A 42 7.82 -1.42 -3.59
CA ILE A 42 7.62 -1.72 -2.18
C ILE A 42 6.12 -1.87 -1.84
N SER A 43 5.81 -2.87 -1.02
CA SER A 43 4.42 -3.20 -0.70
C SER A 43 4.38 -3.76 0.74
N ALA A 44 3.38 -4.59 1.05
CA ALA A 44 3.19 -5.14 2.38
C ALA A 44 3.30 -6.66 2.39
N THR A 45 4.01 -7.19 3.38
CA THR A 45 4.22 -8.63 3.47
C THR A 45 2.92 -9.44 3.53
N HIS A 46 1.91 -8.93 4.21
CA HIS A 46 0.69 -9.72 4.42
C HIS A 46 -0.04 -10.04 3.11
N CYS A 47 0.20 -9.22 2.09
CA CYS A 47 -0.37 -9.43 0.77
C CYS A 47 0.16 -10.71 0.13
N PHE A 48 1.34 -11.17 0.56
CA PHE A 48 2.04 -12.29 -0.08
C PHE A 48 2.34 -13.48 0.83
N ILE A 49 2.20 -13.31 2.13
CA ILE A 49 2.69 -14.29 3.13
C ILE A 49 2.11 -15.70 2.95
N ASP A 50 0.86 -15.81 2.47
CA ASP A 50 0.24 -17.13 2.27
C ASP A 50 0.59 -17.75 0.91
N TYR A 51 1.13 -16.94 0.00
CA TYR A 51 1.45 -17.37 -1.35
C TYR A 51 2.78 -16.77 -1.75
N PRO A 52 3.85 -17.15 -1.05
CA PRO A 52 5.13 -16.47 -1.18
C PRO A 52 5.93 -16.92 -2.43
N LYS A 53 5.24 -17.20 -3.53
CA LYS A 53 5.86 -17.73 -4.74
C LYS A 53 5.91 -16.66 -5.81
N LYS A 54 7.11 -16.16 -6.11
CA LYS A 54 7.28 -14.99 -6.98
C LYS A 54 6.71 -15.17 -8.38
N GLU A 55 6.81 -16.40 -8.91
CA GLU A 55 6.25 -16.78 -10.21
C GLU A 55 4.78 -16.42 -10.41
N ASP A 56 4.03 -16.45 -9.30
CA ASP A 56 2.57 -16.20 -9.33
C ASP A 56 2.17 -14.75 -9.68
N TYR A 57 3.09 -13.80 -9.50
CA TYR A 57 2.70 -12.38 -9.49
C TYR A 57 2.98 -11.61 -10.77
N ILE A 58 2.07 -10.68 -11.05
CA ILE A 58 2.18 -9.74 -12.16
C ILE A 58 2.10 -8.33 -11.59
N VAL A 59 3.03 -7.47 -12.00
CA VAL A 59 3.03 -6.09 -11.53
C VAL A 59 2.89 -5.17 -12.72
N TYR A 60 1.93 -4.24 -12.66
CA TYR A 60 1.76 -3.23 -13.67
C TYR A 60 2.17 -1.87 -13.14
N LEU A 61 2.86 -1.13 -14.00
CA LEU A 61 3.11 0.27 -13.82
C LEU A 61 2.40 1.04 -14.92
N GLY A 62 2.03 2.29 -14.64
CA GLY A 62 1.37 3.12 -15.63
C GLY A 62 -0.09 2.77 -15.95
N ARG A 63 -0.75 2.13 -14.99
CA ARG A 63 -2.10 1.58 -15.16
C ARG A 63 -3.14 2.27 -14.28
N SER A 64 -4.23 2.76 -14.87
CA SER A 64 -5.27 3.53 -14.16
C SER A 64 -6.55 2.73 -13.88
N ARG A 65 -6.69 1.58 -14.52
CA ARG A 65 -7.93 0.83 -14.49
C ARG A 65 -7.64 -0.61 -14.15
N LEU A 66 -8.54 -1.24 -13.40
CA LEU A 66 -8.24 -2.51 -12.78
C LEU A 66 -8.16 -3.65 -13.79
N ASN A 67 -9.08 -3.67 -14.74
CA ASN A 67 -9.21 -4.80 -15.67
C ASN A 67 -9.11 -4.38 -17.11
N SER A 68 -8.45 -3.26 -17.35
CA SER A 68 -8.25 -2.80 -18.70
C SER A 68 -6.83 -2.30 -18.84
N ASN A 69 -6.40 -2.18 -20.08
CA ASN A 69 -5.08 -1.67 -20.38
C ASN A 69 -5.14 -0.15 -20.45
N THR A 70 -4.12 0.49 -19.89
CA THR A 70 -3.97 1.93 -19.96
C THR A 70 -2.81 2.18 -20.92
N GLN A 71 -2.94 3.21 -21.74
CA GLN A 71 -1.93 3.50 -22.76
C GLN A 71 -0.62 3.91 -22.07
N GLY A 72 0.46 3.23 -22.43
CA GLY A 72 1.79 3.47 -21.85
C GLY A 72 2.09 2.63 -20.61
N GLU A 73 1.19 1.72 -20.25
CA GLU A 73 1.40 0.86 -19.09
C GLU A 73 2.51 -0.15 -19.40
N MET A 74 3.25 -0.56 -18.37
CA MET A 74 4.29 -1.57 -18.52
C MET A 74 3.95 -2.77 -17.61
N LYS A 75 4.10 -3.97 -18.15
CA LYS A 75 3.83 -5.20 -17.40
C LYS A 75 5.13 -5.88 -16.97
N PHE A 76 5.16 -6.36 -15.73
CA PHE A 76 6.37 -6.96 -15.17
C PHE A 76 6.09 -8.29 -14.46
N GLU A 77 7.08 -9.18 -14.54
CA GLU A 77 7.19 -10.33 -13.64
C GLU A 77 8.00 -9.92 -12.39
N VAL A 78 7.95 -10.76 -11.37
CA VAL A 78 8.66 -10.54 -10.13
C VAL A 78 9.90 -11.41 -10.11
N GLU A 79 11.06 -10.77 -10.20
CA GLU A 79 12.37 -11.43 -10.18
C GLU A 79 12.77 -11.85 -8.77
N ASN A 80 12.36 -11.06 -7.80
CA ASN A 80 12.69 -11.33 -6.42
C ASN A 80 11.52 -10.84 -5.55
N LEU A 81 10.95 -11.76 -4.77
CA LEU A 81 9.97 -11.41 -3.74
C LEU A 81 10.60 -11.54 -2.35
N ILE A 82 10.70 -10.40 -1.66
CA ILE A 82 11.39 -10.32 -0.38
C ILE A 82 10.43 -9.88 0.72
N LEU A 83 10.09 -10.82 1.59
CA LEU A 83 9.19 -10.52 2.70
C LEU A 83 10.01 -10.24 3.96
N HIS A 84 9.48 -9.41 4.87
CA HIS A 84 10.18 -9.14 6.12
C HIS A 84 10.12 -10.38 7.02
N LYS A 85 11.29 -10.92 7.35
CA LYS A 85 11.44 -12.11 8.19
C LYS A 85 10.70 -12.03 9.54
N ASP A 86 10.64 -10.83 10.10
CA ASP A 86 9.95 -10.59 11.39
C ASP A 86 8.48 -10.21 11.24
N TYR A 87 7.88 -10.45 10.08
CA TYR A 87 6.47 -10.19 9.96
C TYR A 87 5.66 -11.03 10.94
N SER A 88 4.67 -10.41 11.57
CA SER A 88 3.72 -11.15 12.39
C SER A 88 2.42 -10.36 12.51
N ALA A 89 1.30 -11.07 12.67
CA ALA A 89 0.00 -10.42 12.84
C ALA A 89 -0.55 -10.76 14.21
N ASP A 90 -1.09 -9.76 14.88
CA ASP A 90 -1.89 -9.96 16.08
C ASP A 90 -3.37 -9.92 15.69
N THR A 91 -4.26 -9.70 16.66
CA THR A 91 -5.70 -9.72 16.39
C THR A 91 -6.04 -8.69 15.31
N LEU A 92 -5.50 -7.49 15.45
CA LEU A 92 -5.65 -6.45 14.44
C LEU A 92 -4.32 -6.00 13.84
N ALA A 93 -3.31 -5.84 14.69
CA ALA A 93 -2.05 -5.22 14.27
C ALA A 93 -1.21 -6.15 13.41
N HIS A 94 -0.56 -5.56 12.40
CA HIS A 94 0.41 -6.26 11.59
C HIS A 94 1.75 -5.60 11.82
N HIS A 95 2.75 -6.43 12.12
CA HIS A 95 4.08 -5.97 12.49
C HIS A 95 5.04 -6.24 11.34
N ASN A 96 5.97 -5.30 11.13
CA ASN A 96 6.96 -5.40 10.06
C ASN A 96 6.28 -5.69 8.73
N ASP A 97 5.17 -5.00 8.50
CA ASP A 97 4.34 -5.29 7.36
C ASP A 97 4.93 -4.60 6.13
N ILE A 98 5.91 -5.24 5.51
CA ILE A 98 6.68 -4.57 4.48
C ILE A 98 7.34 -5.64 3.60
N ALA A 99 7.33 -5.37 2.30
CA ALA A 99 7.80 -6.31 1.30
C ALA A 99 8.39 -5.56 0.13
N LEU A 100 9.36 -6.21 -0.51
CA LEU A 100 9.99 -5.68 -1.71
C LEU A 100 9.81 -6.64 -2.85
N LEU A 101 9.45 -6.09 -4.01
CA LEU A 101 9.35 -6.85 -5.25
C LEU A 101 10.32 -6.32 -6.27
N LYS A 102 11.35 -7.08 -6.59
CA LYS A 102 12.21 -6.69 -7.72
C LYS A 102 11.49 -7.08 -9.00
N ILE A 103 11.32 -6.10 -9.89
CA ILE A 103 10.48 -6.28 -11.07
C ILE A 103 11.35 -6.40 -12.33
N ARG A 104 10.88 -7.20 -13.26
CA ARG A 104 11.47 -7.17 -14.60
C ARG A 104 10.51 -7.63 -15.65
N SER A 105 10.54 -6.92 -16.77
CA SER A 105 9.73 -7.29 -17.92
C SER A 105 10.28 -8.60 -18.47
N LYS A 106 9.54 -9.19 -19.39
CA LYS A 106 9.99 -10.43 -20.04
C LYS A 106 11.30 -10.23 -20.82
N GLU A 107 11.58 -8.99 -21.23
CA GLU A 107 12.83 -8.62 -21.93
C GLU A 107 13.99 -8.35 -20.97
N GLY A 108 13.71 -8.37 -19.67
CA GLY A 108 14.74 -8.24 -18.63
C GLY A 108 14.88 -6.82 -18.13
N ARG A 109 14.00 -5.92 -18.57
CA ARG A 109 14.12 -4.50 -18.26
C ARG A 109 13.40 -4.10 -16.99
N CYS A 110 13.90 -3.04 -16.36
CA CYS A 110 13.25 -2.45 -15.19
C CYS A 110 12.33 -1.35 -15.71
N ALA A 111 11.73 -0.56 -14.81
CA ALA A 111 10.79 0.47 -15.26
C ALA A 111 11.47 1.55 -16.11
N GLN A 112 10.80 1.97 -17.18
CA GLN A 112 11.22 3.11 -17.97
C GLN A 112 10.39 4.32 -17.57
N PRO A 113 11.04 5.40 -17.10
CA PRO A 113 10.31 6.58 -16.66
C PRO A 113 9.52 7.26 -17.78
N SER A 114 8.35 7.78 -17.43
CA SER A 114 7.47 8.42 -18.40
C SER A 114 6.55 9.36 -17.64
N ARG A 115 5.64 9.99 -18.36
CA ARG A 115 4.60 10.81 -17.75
C ARG A 115 3.77 9.99 -16.76
N THR A 116 3.57 8.70 -17.06
CA THR A 116 2.73 7.82 -16.25
C THR A 116 3.51 6.82 -15.35
N ILE A 117 4.84 6.84 -15.41
CA ILE A 117 5.65 5.91 -14.62
C ILE A 117 6.84 6.68 -14.02
N GLN A 118 6.79 6.91 -12.72
CA GLN A 118 7.85 7.65 -12.01
C GLN A 118 8.11 7.04 -10.64
N THR A 119 9.35 7.12 -10.18
CA THR A 119 9.66 6.69 -8.81
C THR A 119 9.16 7.70 -7.78
N ILE A 120 8.96 7.24 -6.55
CA ILE A 120 8.68 8.11 -5.40
C ILE A 120 9.84 8.09 -4.40
N ALA A 121 10.18 9.25 -3.87
CA ALA A 121 11.25 9.39 -2.87
C ALA A 121 10.91 8.71 -1.55
N LEU A 122 11.94 8.12 -0.93
CA LEU A 122 11.88 7.61 0.42
C LEU A 122 12.20 8.72 1.42
N PRO A 123 11.62 8.65 2.63
CA PRO A 123 11.97 9.67 3.61
C PRO A 123 13.37 9.39 4.15
N SER A 124 13.94 10.36 4.85
CA SER A 124 15.17 10.12 5.60
C SER A 124 14.81 9.49 6.94
N MET A 125 15.81 9.02 7.66
CA MET A 125 15.59 8.24 8.85
C MET A 125 14.80 9.02 9.91
N TYR A 126 13.75 8.39 10.44
CA TYR A 126 12.92 8.94 11.52
C TYR A 126 12.33 10.30 11.19
N ASN A 127 12.22 10.60 9.91
CA ASN A 127 11.82 11.91 9.42
C ASN A 127 10.42 11.88 8.76
N ASP A 128 9.41 12.13 9.58
CA ASP A 128 8.02 12.10 9.13
C ASP A 128 7.37 13.44 9.33
N PRO A 129 6.30 13.72 8.57
CA PRO A 129 5.61 14.99 8.77
C PRO A 129 4.96 15.11 10.16
N GLN A 130 4.64 16.33 10.54
CA GLN A 130 4.00 16.59 11.82
C GLN A 130 2.58 16.07 11.85
N PHE A 131 2.14 15.59 12.99
CA PHE A 131 0.79 15.09 13.10
C PHE A 131 -0.22 16.24 12.92
N GLY A 132 -1.34 15.96 12.27
CA GLY A 132 -2.19 17.01 11.71
C GLY A 132 -1.94 17.32 10.24
N THR A 133 -0.75 16.97 9.74
CA THR A 133 -0.41 17.10 8.30
C THR A 133 -1.31 16.22 7.44
N SER A 134 -1.72 16.76 6.29
CA SER A 134 -2.46 16.00 5.29
C SER A 134 -1.53 15.22 4.35
N CYS A 135 -1.92 13.98 4.06
CA CYS A 135 -1.20 13.11 3.14
C CYS A 135 -2.23 12.41 2.24
N GLU A 136 -1.80 11.88 1.11
CA GLU A 136 -2.73 11.19 0.22
C GLU A 136 -2.53 9.67 0.28
N ILE A 137 -3.61 8.95 0.01
CA ILE A 137 -3.56 7.51 -0.17
C ILE A 137 -4.19 7.17 -1.54
N THR A 138 -3.76 6.06 -2.11
CA THR A 138 -4.14 5.71 -3.46
C THR A 138 -4.37 4.20 -3.53
N GLY A 139 -5.41 3.77 -4.25
CA GLY A 139 -5.62 2.34 -4.49
C GLY A 139 -6.89 1.92 -5.21
N PHE A 140 -6.95 0.61 -5.47
CA PHE A 140 -8.06 -0.03 -6.10
C PHE A 140 -8.94 -0.76 -5.08
N GLY A 141 -8.76 -0.46 -3.80
CA GLY A 141 -9.50 -1.15 -2.72
C GLY A 141 -10.97 -0.77 -2.69
N LYS A 142 -11.71 -1.45 -1.83
CA LYS A 142 -13.17 -1.28 -1.72
C LYS A 142 -13.60 0.16 -1.49
N GLU A 143 -14.73 0.56 -2.08
CA GLU A 143 -15.31 1.87 -1.88
C GLU A 143 -16.24 1.89 -0.69
N GLN A 144 -16.75 0.72 -0.33
CA GLN A 144 -17.55 0.55 0.88
C GLN A 144 -17.22 -0.79 1.52
N SER A 145 -17.29 -0.87 2.85
CA SER A 145 -17.04 -2.13 3.58
C SER A 145 -17.91 -3.31 3.09
N THR A 146 -19.15 -3.00 2.71
CA THR A 146 -20.10 -3.99 2.19
C THR A 146 -19.82 -4.47 0.75
N ASP A 147 -18.97 -3.76 0.01
CA ASP A 147 -18.59 -4.20 -1.32
C ASP A 147 -17.83 -5.51 -1.27
N TYR A 148 -18.03 -6.34 -2.29
CA TYR A 148 -17.24 -7.57 -2.46
C TYR A 148 -16.42 -7.47 -3.74
N LEU A 149 -16.64 -6.42 -4.54
CA LEU A 149 -15.83 -6.15 -5.72
C LEU A 149 -15.09 -4.84 -5.55
N TYR A 150 -13.97 -4.73 -6.25
CA TYR A 150 -13.14 -3.52 -6.27
C TYR A 150 -13.56 -2.64 -7.43
N PRO A 151 -13.36 -1.31 -7.32
CA PRO A 151 -13.69 -0.42 -8.40
C PRO A 151 -12.75 -0.61 -9.59
N GLU A 152 -13.23 -0.30 -10.79
CA GLU A 152 -12.40 -0.35 -12.02
C GLU A 152 -11.41 0.80 -12.09
N GLN A 153 -11.78 1.97 -11.58
CA GLN A 153 -10.95 3.16 -11.73
C GLN A 153 -10.15 3.41 -10.45
N LEU A 154 -8.87 3.73 -10.60
CA LEU A 154 -8.02 4.07 -9.47
C LEU A 154 -8.63 5.24 -8.65
N LYS A 155 -8.47 5.16 -7.34
CA LYS A 155 -8.98 6.19 -6.46
C LYS A 155 -7.90 6.81 -5.58
N MET A 156 -8.15 8.05 -5.14
CA MET A 156 -7.34 8.65 -4.08
C MET A 156 -8.22 9.36 -3.09
N THR A 157 -7.63 9.60 -1.92
CA THR A 157 -8.18 10.51 -0.91
C THR A 157 -7.08 11.16 -0.07
N VAL A 158 -7.47 12.10 0.77
CA VAL A 158 -6.57 12.84 1.62
C VAL A 158 -7.01 12.57 3.06
N VAL A 159 -6.06 12.15 3.89
CA VAL A 159 -6.30 11.92 5.30
C VAL A 159 -5.26 12.67 6.12
N LYS A 160 -5.58 12.94 7.38
CA LYS A 160 -4.61 13.62 8.26
C LYS A 160 -3.86 12.64 9.14
N LEU A 161 -2.57 12.92 9.38
CA LEU A 161 -1.78 12.09 10.27
C LEU A 161 -2.22 12.29 11.74
N ILE A 162 -2.30 11.20 12.49
CA ILE A 162 -2.80 11.22 13.86
C ILE A 162 -1.63 10.86 14.76
N SER A 163 -1.52 11.55 15.90
CA SER A 163 -0.36 11.37 16.78
C SER A 163 -0.40 10.00 17.44
N HIS A 164 0.74 9.55 17.93
CA HIS A 164 0.75 8.31 18.71
C HIS A 164 -0.09 8.46 19.96
N ARG A 165 0.04 9.59 20.66
CA ARG A 165 -0.83 9.95 21.80
C ARG A 165 -2.28 9.55 21.54
N GLU A 166 -2.81 10.06 20.44
CA GLU A 166 -4.21 9.91 20.14
C GLU A 166 -4.51 8.48 19.70
N CYS A 167 -3.62 7.90 18.89
CA CYS A 167 -3.89 6.60 18.31
C CYS A 167 -3.76 5.45 19.33
N GLN A 168 -3.06 5.74 20.44
CA GLN A 168 -2.95 4.79 21.55
C GLN A 168 -3.99 5.01 22.65
N GLN A 169 -4.94 5.92 22.43
CA GLN A 169 -6.06 6.06 23.35
C GLN A 169 -6.81 4.72 23.37
N PRO A 170 -7.46 4.38 24.51
CA PRO A 170 -8.05 3.06 24.59
C PRO A 170 -9.21 2.83 23.63
N HIS A 171 -9.94 3.89 23.27
CA HIS A 171 -11.02 3.78 22.31
C HIS A 171 -10.49 3.76 20.86
N TYR A 172 -9.20 4.01 20.68
CA TYR A 172 -8.55 3.84 19.37
C TYR A 172 -7.91 2.45 19.33
N TYR A 173 -6.58 2.35 19.46
CA TYR A 173 -5.90 1.04 19.36
C TYR A 173 -5.05 0.67 20.57
N GLY A 174 -5.02 1.50 21.60
CA GLY A 174 -4.21 1.18 22.76
C GLY A 174 -2.78 0.99 22.35
N SER A 175 -2.10 0.03 22.98
CA SER A 175 -0.68 -0.23 22.71
C SER A 175 -0.44 -1.17 21.52
N GLU A 176 -1.51 -1.50 20.79
CA GLU A 176 -1.39 -2.31 19.55
C GLU A 176 -0.69 -1.52 18.43
N VAL A 177 -0.81 -0.19 18.47
CA VAL A 177 -0.04 0.69 17.61
C VAL A 177 1.32 0.94 18.25
N THR A 178 2.37 0.76 17.45
CA THR A 178 3.75 0.91 17.92
C THR A 178 4.37 2.12 17.20
N THR A 179 5.62 2.45 17.56
CA THR A 179 6.34 3.58 16.95
C THR A 179 6.83 3.28 15.55
N LYS A 180 6.68 2.04 15.09
CA LYS A 180 6.99 1.66 13.71
C LYS A 180 5.75 1.74 12.81
N MET A 181 4.69 2.33 13.35
CA MET A 181 3.44 2.49 12.62
C MET A 181 3.02 3.95 12.68
N LEU A 182 2.22 4.35 11.70
CA LEU A 182 1.63 5.69 11.64
C LEU A 182 0.13 5.55 11.46
N CYS A 183 -0.64 6.34 12.22
CA CYS A 183 -2.09 6.37 12.06
C CYS A 183 -2.52 7.57 11.23
N ALA A 184 -3.53 7.36 10.37
CA ALA A 184 -4.05 8.46 9.59
C ALA A 184 -5.54 8.29 9.39
N ALA A 185 -6.27 9.40 9.50
CA ALA A 185 -7.71 9.36 9.41
C ALA A 185 -8.30 10.68 8.93
N ASP A 186 -9.56 10.60 8.52
CA ASP A 186 -10.42 11.73 8.26
C ASP A 186 -11.03 12.19 9.59
N PRO A 187 -10.88 13.49 9.94
CA PRO A 187 -11.48 14.00 11.18
C PRO A 187 -12.97 13.66 11.33
N GLN A 188 -13.71 13.63 10.22
CA GLN A 188 -15.11 13.21 10.30
C GLN A 188 -15.37 11.73 9.98
N TRP A 189 -14.30 10.94 9.85
CA TRP A 189 -14.40 9.48 9.66
C TRP A 189 -15.22 9.08 8.42
N LYS A 190 -15.06 9.83 7.33
CA LYS A 190 -15.84 9.62 6.12
C LYS A 190 -15.01 8.99 5.02
N THR A 191 -13.71 9.14 5.10
CA THR A 191 -12.85 8.64 4.03
C THR A 191 -11.68 7.92 4.68
N ASP A 192 -11.19 6.87 4.00
CA ASP A 192 -10.16 5.97 4.54
C ASP A 192 -9.70 4.99 3.47
N SER A 193 -8.60 4.28 3.74
CA SER A 193 -8.27 3.11 2.93
C SER A 193 -9.10 1.93 3.44
N CYS A 194 -9.07 0.84 2.68
CA CYS A 194 -9.89 -0.31 2.98
C CYS A 194 -9.30 -1.54 2.30
N GLN A 195 -9.99 -2.67 2.45
CA GLN A 195 -9.49 -3.93 1.92
C GLN A 195 -9.19 -3.80 0.43
N GLY A 196 -8.00 -4.24 0.04
CA GLY A 196 -7.56 -4.11 -1.35
C GLY A 196 -6.64 -2.93 -1.58
N ASP A 197 -6.64 -1.97 -0.66
CA ASP A 197 -5.67 -0.86 -0.68
C ASP A 197 -4.34 -1.19 -0.05
N SER A 198 -4.29 -2.30 0.70
CA SER A 198 -3.10 -2.71 1.39
C SER A 198 -1.88 -2.72 0.50
N GLY A 199 -0.75 -2.29 1.06
CA GLY A 199 0.52 -2.25 0.35
C GLY A 199 0.78 -1.01 -0.48
N GLY A 200 -0.28 -0.21 -0.72
CA GLY A 200 -0.18 1.02 -1.46
C GLY A 200 0.30 2.17 -0.60
N PRO A 201 0.54 3.32 -1.22
CA PRO A 201 1.31 4.41 -0.64
C PRO A 201 0.46 5.38 0.16
N LEU A 202 1.03 5.82 1.28
CA LEU A 202 0.60 7.03 1.95
C LEU A 202 1.68 8.05 1.64
N VAL A 203 1.31 9.07 0.87
CA VAL A 203 2.28 10.02 0.35
C VAL A 203 2.05 11.37 1.00
N CYS A 204 3.13 11.96 1.49
CA CYS A 204 3.13 13.28 2.11
C CYS A 204 4.16 14.17 1.41
N SER A 205 3.81 15.43 1.22
CA SER A 205 4.73 16.40 0.65
C SER A 205 5.68 16.80 1.77
N LEU A 206 6.97 16.55 1.55
CA LEU A 206 8.01 17.00 2.49
C LEU A 206 8.95 17.88 1.72
N GLN A 207 8.98 19.17 2.07
CA GLN A 207 9.85 20.13 1.38
C GLN A 207 9.56 20.16 -0.12
N GLY A 208 8.27 20.18 -0.48
CA GLY A 208 7.85 20.13 -1.87
C GLY A 208 8.28 18.87 -2.62
N ARG A 209 8.70 17.84 -1.88
CA ARG A 209 9.01 16.57 -2.48
C ARG A 209 7.93 15.59 -2.04
N MET A 210 7.36 14.87 -3.00
CA MET A 210 6.41 13.80 -2.68
C MET A 210 7.18 12.61 -2.11
N THR A 211 6.81 12.21 -0.89
CA THR A 211 7.56 11.22 -0.15
C THR A 211 6.69 10.07 0.35
N LEU A 212 7.22 8.86 0.19
CA LEU A 212 6.54 7.66 0.68
C LEU A 212 6.72 7.54 2.18
N THR A 213 5.73 8.03 2.89
CA THR A 213 5.74 8.08 4.34
C THR A 213 5.17 6.80 4.96
N GLY A 214 4.11 6.26 4.36
CA GLY A 214 3.49 5.05 4.85
C GLY A 214 3.09 4.04 3.78
N ILE A 215 2.89 2.81 4.24
CA ILE A 215 2.40 1.71 3.44
C ILE A 215 1.13 1.18 4.10
N VAL A 216 0.01 1.18 3.36
CA VAL A 216 -1.26 0.70 3.92
C VAL A 216 -1.12 -0.68 4.56
N SER A 217 -1.42 -0.81 5.85
CA SER A 217 -1.21 -2.07 6.58
C SER A 217 -2.47 -2.67 7.21
N TRP A 218 -3.10 -1.95 8.12
CA TRP A 218 -4.22 -2.51 8.86
C TRP A 218 -5.12 -1.44 9.47
N GLY A 219 -6.21 -1.92 10.05
CA GLY A 219 -7.18 -1.09 10.75
C GLY A 219 -8.42 -1.89 11.11
N ARG A 220 -9.22 -1.36 12.04
CA ARG A 220 -10.47 -1.97 12.42
C ARG A 220 -11.54 -1.44 11.48
N GLY A 221 -12.09 -2.31 10.66
CA GLY A 221 -13.03 -1.89 9.63
C GLY A 221 -12.40 -0.90 8.68
N CYS A 222 -13.25 -0.10 8.02
CA CYS A 222 -12.81 0.96 7.15
C CYS A 222 -13.65 2.21 7.40
N ALA A 223 -12.96 3.33 7.65
CA ALA A 223 -13.63 4.61 7.96
C ALA A 223 -14.57 4.49 9.16
N LEU A 224 -14.14 3.74 10.17
CA LEU A 224 -14.89 3.63 11.43
C LEU A 224 -14.47 4.69 12.44
N LYS A 225 -15.45 5.25 13.16
CA LYS A 225 -15.15 6.29 14.13
C LYS A 225 -14.11 5.77 15.13
N ASP A 226 -13.10 6.60 15.41
CA ASP A 226 -12.03 6.28 16.37
C ASP A 226 -11.15 5.09 15.95
N LYS A 227 -11.14 4.78 14.66
CA LYS A 227 -10.34 3.66 14.16
C LYS A 227 -9.59 4.12 12.92
N PRO A 228 -8.43 4.79 13.11
CA PRO A 228 -7.64 5.21 11.97
C PRO A 228 -7.13 4.05 11.10
N GLY A 229 -6.81 4.40 9.85
CA GLY A 229 -5.96 3.58 9.02
C GLY A 229 -4.62 3.50 9.72
N VAL A 230 -4.00 2.33 9.67
CA VAL A 230 -2.67 2.18 10.23
C VAL A 230 -1.69 1.76 9.12
N TYR A 231 -0.50 2.36 9.15
CA TYR A 231 0.45 2.37 8.06
C TYR A 231 1.81 1.97 8.59
N THR A 232 2.52 1.15 7.84
CA THR A 232 3.93 0.86 8.13
C THR A 232 4.71 2.16 7.96
N ARG A 233 5.52 2.49 8.96
CA ARG A 233 6.21 3.77 9.04
C ARG A 233 7.54 3.62 8.32
N VAL A 234 7.55 4.03 7.05
CA VAL A 234 8.64 3.73 6.12
C VAL A 234 9.97 4.31 6.64
N SER A 235 9.91 5.44 7.35
CA SER A 235 11.10 6.09 7.88
C SER A 235 11.80 5.28 8.98
N HIS A 236 11.18 4.20 9.47
CA HIS A 236 11.79 3.31 10.47
C HIS A 236 12.27 1.99 9.88
N PHE A 237 12.21 1.86 8.55
CA PHE A 237 12.59 0.62 7.86
C PHE A 237 13.68 0.86 6.82
N LEU A 238 14.36 2.00 6.87
CA LEU A 238 15.34 2.32 5.82
C LEU A 238 16.54 1.35 5.75
N PRO A 239 17.09 0.93 6.91
CA PRO A 239 18.11 -0.12 6.90
C PRO A 239 17.68 -1.41 6.19
N TRP A 240 16.50 -1.90 6.54
CA TRP A 240 15.92 -3.07 5.86
C TRP A 240 15.79 -2.84 4.35
N ILE A 241 15.25 -1.67 3.96
CA ILE A 241 15.03 -1.38 2.55
C ILE A 241 16.35 -1.30 1.80
N ARG A 242 17.28 -0.51 2.34
CA ARG A 242 18.57 -0.31 1.67
C ARG A 242 19.38 -1.60 1.53
N SER A 243 19.31 -2.48 2.51
CA SER A 243 20.06 -3.73 2.47
C SER A 243 19.61 -4.65 1.33
N HIS A 244 18.31 -4.82 1.20
CA HIS A 244 17.76 -5.76 0.22
C HIS A 244 17.70 -5.20 -1.20
N THR A 245 17.88 -3.88 -1.34
CA THR A 245 17.86 -3.21 -2.63
C THR A 245 19.23 -3.30 -3.31
N LEU B 1 -12.62 -11.67 14.54
CA LEU B 1 -12.29 -10.22 14.41
C LEU B 1 -10.98 -10.06 13.63
N CYS B 2 -11.09 -9.81 12.33
CA CYS B 2 -9.95 -9.62 11.45
C CYS B 2 -9.97 -8.23 10.83
N SER B 3 -8.78 -7.68 10.56
CA SER B 3 -8.65 -6.38 9.88
C SER B 3 -8.94 -6.59 8.40
N ASP B 4 -9.87 -5.81 7.84
CA ASP B 4 -10.19 -5.93 6.40
C ASP B 4 -8.92 -5.72 5.57
N ARG B 5 -8.17 -4.70 5.95
CA ARG B 5 -6.81 -4.51 5.48
C ARG B 5 -5.95 -5.55 6.19
N GLY B 6 -5.59 -6.59 5.44
CA GLY B 6 -5.11 -7.86 6.00
C GLY B 6 -5.72 -9.04 5.27
N CYS B 7 -6.89 -8.83 4.67
CA CYS B 7 -7.66 -9.92 4.09
C CYS B 7 -7.42 -10.13 2.59
N GLU B 8 -6.39 -9.48 2.05
CA GLU B 8 -6.05 -9.59 0.64
C GLU B 8 -5.27 -10.87 0.36
N ASN B 9 -5.73 -11.65 -0.61
CA ASN B 9 -4.96 -12.75 -1.18
C ASN B 9 -4.50 -13.76 -0.09
N ARG B 10 -5.45 -14.17 0.76
CA ARG B 10 -5.15 -15.02 1.89
C ARG B 10 -5.73 -16.39 1.70
N TRP B 11 -5.07 -17.35 2.35
CA TRP B 11 -5.52 -18.74 2.31
C TRP B 11 -6.58 -19.00 3.37
N CYS B 12 -7.53 -19.88 3.03
CA CYS B 12 -8.56 -20.31 3.95
C CYS B 12 -9.07 -21.73 3.67
N LYS B 13 -9.23 -22.50 4.74
CA LYS B 13 -9.76 -23.88 4.77
C LYS B 13 -11.04 -24.06 3.96
#